data_3K20
#
_entry.id   3K20
#
_cell.length_a   99.839
_cell.length_b   99.839
_cell.length_c   137.309
_cell.angle_alpha   90.00
_cell.angle_beta   90.00
_cell.angle_gamma   120.00
#
_symmetry.space_group_name_H-M   'P 64 2 2'
#
loop_
_entity.id
_entity.type
_entity.pdbx_description
1 polymer oxidoreductase
2 non-polymer 'SULFATE ION'
3 water water
#
_entity_poly.entity_id   1
_entity_poly.type   'polypeptide(L)'
_entity_poly.pdbx_seq_one_letter_code
;(MSE)GHHHHHHSH(MSE)RTLAVISAGLSTPSSTRQIADSISEAVTAAVSARGEALSVSTIELSELIPDL(MSE)TA
(MSE)TTRVHTTKLEEITSALSASDGLVVATPVFKASYTGLFK(MSE)FFDILDTDALTG(MSE)PTIIAATAGSARHSL
VLDYALRPLLSY(MSE)RAVVVPTGVFAATEDFGGPEGAEFNKRIARAAGELASLIVEESG
;
_entity_poly.pdbx_strand_id   A
#
loop_
_chem_comp.id
_chem_comp.type
_chem_comp.name
_chem_comp.formula
SO4 non-polymer 'SULFATE ION' 'O4 S -2'
#
# COMPACT_ATOMS: atom_id res chain seq x y z
N HIS A 10 -2.45 -0.08 -22.71
CA HIS A 10 -1.54 1.01 -22.22
C HIS A 10 -0.72 0.50 -21.02
N MSE A 11 -0.92 -0.76 -20.67
CA MSE A 11 -0.23 -1.38 -19.53
C MSE A 11 -0.67 -0.69 -18.23
O MSE A 11 -0.32 0.45 -17.98
CB MSE A 11 1.31 -1.33 -19.67
CG MSE A 11 2.07 -2.07 -18.55
SE MSE A 11 3.84 -2.86 -18.96
CE MSE A 11 5.03 -1.48 -18.28
N ARG A 12 -1.47 -1.40 -17.43
CA ARG A 12 -1.95 -0.86 -16.18
C ARG A 12 -0.80 -0.62 -15.22
N THR A 13 -0.91 0.45 -14.45
CA THR A 13 0.11 0.84 -13.49
C THR A 13 -0.32 0.69 -12.04
N LEU A 14 0.55 0.10 -11.23
CA LEU A 14 0.26 -0.12 -9.81
C LEU A 14 1.35 0.48 -8.93
N ALA A 15 1.00 1.47 -8.10
CA ALA A 15 1.97 2.09 -7.20
C ALA A 15 1.93 1.32 -5.88
N VAL A 16 3.08 1.18 -5.23
CA VAL A 16 3.15 0.47 -3.96
C VAL A 16 3.99 1.26 -2.98
N ILE A 17 3.41 1.59 -1.83
CA ILE A 17 4.14 2.34 -0.81
C ILE A 17 4.44 1.43 0.37
N SER A 18 5.72 1.17 0.60
CA SER A 18 6.12 0.32 1.72
C SER A 18 6.83 1.21 2.74
N ALA A 19 6.57 1.00 4.02
CA ALA A 19 7.17 1.83 5.05
C ALA A 19 8.01 1.10 6.08
N GLY A 20 8.51 -0.08 5.73
CA GLY A 20 9.33 -0.82 6.66
C GLY A 20 10.70 -0.17 6.84
N LEU A 21 11.34 -0.46 7.97
CA LEU A 21 12.65 0.12 8.25
C LEU A 21 13.78 -0.91 8.31
N SER A 22 13.43 -2.14 8.68
CA SER A 22 14.42 -3.21 8.77
C SER A 22 14.74 -3.78 7.40
N THR A 23 15.80 -4.58 7.35
CA THR A 23 16.22 -5.27 6.13
C THR A 23 16.70 -6.66 6.57
N PRO A 24 16.00 -7.72 6.15
CA PRO A 24 14.81 -7.70 5.28
C PRO A 24 13.62 -6.99 5.94
N SER A 25 12.68 -6.52 5.12
CA SER A 25 11.50 -5.84 5.60
C SER A 25 10.25 -6.72 5.45
N SER A 26 9.63 -7.07 6.57
CA SER A 26 8.41 -7.87 6.53
C SER A 26 7.37 -7.09 5.74
N THR A 27 7.37 -5.77 5.94
CA THR A 27 6.44 -4.90 5.25
C THR A 27 6.60 -5.03 3.76
N ARG A 28 7.84 -4.98 3.29
CA ARG A 28 8.11 -5.10 1.86
C ARG A 28 7.78 -6.51 1.41
N GLN A 29 7.96 -7.48 2.30
CA GLN A 29 7.67 -8.86 1.95
C GLN A 29 6.21 -9.01 1.54
N ILE A 30 5.30 -8.61 2.41
CA ILE A 30 3.89 -8.74 2.07
C ILE A 30 3.47 -7.76 1.00
N ALA A 31 4.09 -6.58 0.98
CA ALA A 31 3.76 -5.62 -0.04
C ALA A 31 4.05 -6.29 -1.39
N ASP A 32 5.11 -7.11 -1.44
CA ASP A 32 5.48 -7.83 -2.65
C ASP A 32 4.49 -8.97 -2.90
N SER A 33 4.16 -9.71 -1.85
CA SER A 33 3.21 -10.80 -1.96
C SER A 33 1.93 -10.28 -2.62
N ILE A 34 1.46 -9.14 -2.14
CA ILE A 34 0.25 -8.53 -2.66
C ILE A 34 0.40 -8.05 -4.10
N SER A 35 1.46 -7.30 -4.37
CA SER A 35 1.64 -6.79 -5.73
C SER A 35 1.83 -7.92 -6.72
N GLU A 36 2.50 -8.99 -6.32
CA GLU A 36 2.70 -10.14 -7.21
C GLU A 36 1.31 -10.70 -7.54
N ALA A 37 0.51 -10.86 -6.49
CA ALA A 37 -0.86 -11.37 -6.64
C ALA A 37 -1.70 -10.46 -7.52
N VAL A 38 -1.52 -9.14 -7.40
CA VAL A 38 -2.29 -8.23 -8.22
C VAL A 38 -1.88 -8.35 -9.69
N THR A 39 -0.60 -8.59 -9.94
CA THR A 39 -0.12 -8.75 -11.31
C THR A 39 -0.72 -10.01 -11.92
N ALA A 40 -0.77 -11.07 -11.10
CA ALA A 40 -1.33 -12.34 -11.53
C ALA A 40 -2.81 -12.19 -11.90
N ALA A 41 -3.54 -11.41 -11.12
CA ALA A 41 -4.97 -11.20 -11.34
C ALA A 41 -5.25 -10.30 -12.55
N VAL A 42 -4.42 -9.29 -12.76
CA VAL A 42 -4.62 -8.41 -13.91
C VAL A 42 -4.25 -9.17 -15.18
N SER A 43 -3.34 -10.12 -15.03
CA SER A 43 -2.91 -10.93 -16.15
C SER A 43 -4.09 -11.81 -16.55
N ALA A 44 -4.73 -12.42 -15.55
CA ALA A 44 -5.87 -13.27 -15.78
C ALA A 44 -6.99 -12.50 -16.46
N ARG A 45 -7.05 -11.19 -16.23
CA ARG A 45 -8.08 -10.40 -16.86
C ARG A 45 -7.59 -9.92 -18.21
N GLY A 46 -6.50 -10.54 -18.65
CA GLY A 46 -5.92 -10.24 -19.96
C GLY A 46 -4.95 -9.08 -20.17
N GLU A 47 -4.49 -8.46 -19.09
CA GLU A 47 -3.59 -7.33 -19.24
C GLU A 47 -2.28 -7.44 -18.49
N ALA A 48 -1.39 -6.49 -18.77
CA ALA A 48 -0.08 -6.44 -18.14
C ALA A 48 -0.07 -5.39 -17.06
N LEU A 49 0.58 -5.69 -15.93
CA LEU A 49 0.62 -4.76 -14.82
C LEU A 49 2.05 -4.35 -14.48
N SER A 50 2.31 -3.05 -14.52
CA SER A 50 3.62 -2.51 -14.20
C SER A 50 3.59 -2.02 -12.74
N VAL A 51 4.36 -2.66 -11.87
CA VAL A 51 4.38 -2.28 -10.46
C VAL A 51 5.63 -1.49 -10.02
N SER A 52 5.38 -0.25 -9.58
CA SER A 52 6.43 0.64 -9.11
C SER A 52 6.37 0.75 -7.58
N THR A 53 7.35 0.18 -6.91
CA THR A 53 7.36 0.22 -5.45
C THR A 53 8.27 1.32 -4.88
N ILE A 54 7.79 1.98 -3.83
CA ILE A 54 8.56 3.02 -3.18
C ILE A 54 8.79 2.66 -1.72
N GLU A 55 10.05 2.63 -1.31
CA GLU A 55 10.39 2.35 0.08
C GLU A 55 10.52 3.73 0.73
N LEU A 56 9.63 4.02 1.68
CA LEU A 56 9.63 5.32 2.36
C LEU A 56 10.93 5.65 3.10
N SER A 57 11.61 4.63 3.61
CA SER A 57 12.85 4.85 4.33
C SER A 57 13.91 5.46 3.41
N GLU A 58 13.67 5.45 2.10
CA GLU A 58 14.62 6.01 1.15
C GLU A 58 14.18 7.39 0.69
N LEU A 59 13.11 7.90 1.29
CA LEU A 59 12.61 9.23 0.96
C LEU A 59 12.68 10.12 2.19
N ILE A 60 13.32 9.62 3.23
CA ILE A 60 13.44 10.35 4.47
C ILE A 60 13.95 11.78 4.31
N PRO A 61 15.14 11.97 3.72
CA PRO A 61 15.59 13.36 3.58
C PRO A 61 14.58 14.25 2.85
N ASP A 62 13.89 13.70 1.86
CA ASP A 62 12.92 14.50 1.11
C ASP A 62 11.70 14.87 1.95
N LEU A 63 11.31 13.95 2.84
CA LEU A 63 10.17 14.17 3.73
C LEU A 63 10.58 15.12 4.85
N MSE A 64 11.80 14.96 5.33
CA MSE A 64 12.34 15.80 6.38
C MSE A 64 12.39 17.22 5.83
O MSE A 64 12.14 18.19 6.54
CB MSE A 64 13.74 15.30 6.77
CG MSE A 64 14.61 16.26 7.56
SE MSE A 64 15.78 17.18 6.53
CE MSE A 64 15.17 18.86 6.72
N THR A 65 12.72 17.33 4.55
CA THR A 65 12.79 18.63 3.89
C THR A 65 11.41 19.23 3.72
N ALA A 66 10.44 18.41 3.35
CA ALA A 66 9.07 18.88 3.15
C ALA A 66 8.43 19.37 4.44
N MSE A 67 9.02 19.00 5.57
CA MSE A 67 8.50 19.42 6.86
C MSE A 67 8.96 20.84 7.20
O MSE A 67 8.24 21.61 7.83
CB MSE A 67 8.92 18.46 7.97
CG MSE A 67 8.25 17.08 7.90
SE MSE A 67 6.29 17.13 7.82
CE MSE A 67 5.88 16.59 9.62
N THR A 68 10.17 21.17 6.76
CA THR A 68 10.75 22.48 7.03
C THR A 68 10.82 23.37 5.79
N THR A 69 10.06 23.03 4.76
CA THR A 69 10.03 23.80 3.52
C THR A 69 8.81 23.36 2.74
N ARG A 70 7.86 24.27 2.55
CA ARG A 70 6.64 23.94 1.83
C ARG A 70 6.91 23.36 0.45
N VAL A 71 8.10 23.63 -0.09
CA VAL A 71 8.45 23.14 -1.42
C VAL A 71 9.06 21.73 -1.37
N HIS A 72 8.56 20.87 -2.25
CA HIS A 72 9.01 19.49 -2.32
C HIS A 72 10.22 19.35 -3.26
N THR A 73 11.09 18.40 -2.95
CA THR A 73 12.25 18.18 -3.81
C THR A 73 11.75 17.67 -5.15
N THR A 74 12.63 17.60 -6.13
CA THR A 74 12.25 17.12 -7.45
C THR A 74 11.93 15.63 -7.39
N LYS A 75 12.74 14.90 -6.63
CA LYS A 75 12.56 13.47 -6.49
C LYS A 75 11.18 13.17 -5.92
N LEU A 76 10.76 13.97 -4.94
CA LEU A 76 9.46 13.79 -4.30
C LEU A 76 8.32 14.22 -5.21
N GLU A 77 8.52 15.32 -5.91
CA GLU A 77 7.49 15.83 -6.81
C GLU A 77 7.15 14.82 -7.89
N GLU A 78 8.15 14.07 -8.36
CA GLU A 78 7.96 13.07 -9.41
C GLU A 78 7.27 11.82 -8.87
N ILE A 79 7.62 11.46 -7.64
CA ILE A 79 7.04 10.30 -6.99
C ILE A 79 5.55 10.47 -6.70
N THR A 80 5.15 11.63 -6.17
CA THR A 80 3.74 11.84 -5.86
C THR A 80 2.94 11.98 -7.15
N SER A 81 3.53 12.59 -8.17
CA SER A 81 2.86 12.77 -9.45
C SER A 81 2.59 11.42 -10.11
N ALA A 82 3.60 10.55 -10.04
CA ALA A 82 3.47 9.21 -10.60
C ALA A 82 2.35 8.50 -9.85
N LEU A 83 2.37 8.64 -8.52
CA LEU A 83 1.37 8.04 -7.64
C LEU A 83 -0.04 8.41 -8.09
N SER A 84 -0.33 9.70 -8.12
CA SER A 84 -1.65 10.18 -8.52
C SER A 84 -2.07 9.67 -9.90
N ALA A 85 -1.08 9.44 -10.76
CA ALA A 85 -1.35 8.96 -12.11
C ALA A 85 -1.61 7.47 -12.19
N SER A 86 -1.24 6.73 -11.15
CA SER A 86 -1.41 5.28 -11.15
C SER A 86 -2.86 4.83 -11.28
N ASP A 87 -3.04 3.57 -11.66
CA ASP A 87 -4.36 2.96 -11.81
C ASP A 87 -4.79 2.32 -10.52
N GLY A 88 -3.81 1.81 -9.78
CA GLY A 88 -4.10 1.16 -8.51
C GLY A 88 -3.04 1.46 -7.48
N LEU A 89 -3.37 1.21 -6.23
CA LEU A 89 -2.45 1.48 -5.13
C LEU A 89 -2.47 0.44 -4.03
N VAL A 90 -1.28 0.16 -3.50
CA VAL A 90 -1.12 -0.77 -2.39
C VAL A 90 -0.29 -0.02 -1.36
N VAL A 91 -0.76 -0.01 -0.11
CA VAL A 91 0.00 0.65 0.94
C VAL A 91 0.22 -0.35 2.08
N ALA A 92 1.46 -0.42 2.58
CA ALA A 92 1.81 -1.36 3.64
C ALA A 92 2.63 -0.68 4.75
N THR A 93 2.37 -1.07 5.99
CA THR A 93 3.09 -0.48 7.10
C THR A 93 3.29 -1.40 8.29
N PRO A 94 4.36 -1.17 9.05
CA PRO A 94 4.68 -1.96 10.24
C PRO A 94 3.77 -1.38 11.32
N VAL A 95 3.57 -2.08 12.42
CA VAL A 95 2.74 -1.52 13.47
C VAL A 95 3.61 -1.04 14.64
N PHE A 96 3.69 0.28 14.79
CA PHE A 96 4.47 0.90 15.86
C PHE A 96 3.48 1.53 16.82
N LYS A 97 3.68 1.31 18.11
CA LYS A 97 2.79 1.86 19.12
C LYS A 97 1.31 1.62 18.79
N ALA A 98 0.99 0.38 18.43
CA ALA A 98 -0.38 -0.04 18.12
C ALA A 98 -1.07 0.70 16.97
N SER A 99 -0.31 1.11 15.96
CA SER A 99 -0.89 1.80 14.81
C SER A 99 0.12 1.98 13.67
N TYR A 100 -0.26 2.74 12.64
CA TYR A 100 0.68 2.91 11.56
C TYR A 100 1.89 3.76 11.96
N THR A 101 2.93 3.67 11.13
CA THR A 101 4.16 4.38 11.36
C THR A 101 4.09 5.88 11.08
N GLY A 102 4.78 6.66 11.92
CA GLY A 102 4.82 8.10 11.77
C GLY A 102 5.32 8.46 10.37
N LEU A 103 6.34 7.73 9.90
CA LEU A 103 6.90 7.99 8.58
C LEU A 103 5.83 7.73 7.51
N PHE A 104 5.04 6.69 7.73
CA PHE A 104 3.98 6.31 6.81
C PHE A 104 3.01 7.49 6.70
N LYS A 105 2.47 7.91 7.84
CA LYS A 105 1.51 9.02 7.91
C LYS A 105 2.08 10.28 7.26
N MSE A 106 3.32 10.59 7.61
CA MSE A 106 4.01 11.77 7.09
C MSE A 106 3.97 11.83 5.57
O MSE A 106 3.78 12.89 4.97
CB MSE A 106 5.45 11.79 7.56
CG MSE A 106 6.17 13.09 7.22
SE MSE A 106 8.01 13.06 7.82
CE MSE A 106 7.76 12.89 9.75
N PHE A 107 4.17 10.68 4.92
CA PHE A 107 4.15 10.63 3.47
C PHE A 107 2.78 11.11 2.98
N PHE A 108 1.72 10.62 3.61
CA PHE A 108 0.38 11.01 3.23
C PHE A 108 0.09 12.47 3.60
N ASP A 109 0.68 12.96 4.68
CA ASP A 109 0.45 14.35 5.08
C ASP A 109 0.93 15.26 3.96
N ILE A 110 2.06 14.88 3.38
CA ILE A 110 2.70 15.62 2.31
C ILE A 110 1.94 15.67 0.97
N LEU A 111 0.94 14.82 0.81
CA LEU A 111 0.17 14.78 -0.44
C LEU A 111 -0.90 15.87 -0.55
N ASP A 112 -1.19 16.26 -1.78
CA ASP A 112 -2.23 17.26 -2.01
C ASP A 112 -3.55 16.62 -1.64
N THR A 113 -4.50 17.44 -1.22
CA THR A 113 -5.80 16.96 -0.81
C THR A 113 -6.46 16.00 -1.82
N ASP A 114 -6.39 16.32 -3.10
CA ASP A 114 -7.03 15.47 -4.10
C ASP A 114 -6.09 14.44 -4.75
N ALA A 115 -4.95 14.19 -4.14
CA ALA A 115 -3.97 13.26 -4.70
C ALA A 115 -4.44 11.83 -4.93
N LEU A 116 -5.36 11.34 -4.13
CA LEU A 116 -5.81 9.97 -4.29
C LEU A 116 -7.30 9.82 -4.53
N THR A 117 -7.98 10.90 -4.84
CA THR A 117 -9.40 10.81 -5.09
C THR A 117 -9.72 9.68 -6.08
N GLY A 118 -10.60 8.76 -5.69
CA GLY A 118 -11.01 7.65 -6.54
C GLY A 118 -10.02 6.51 -6.70
N MSE A 119 -8.83 6.70 -6.15
CA MSE A 119 -7.79 5.69 -6.25
C MSE A 119 -8.12 4.32 -5.67
O MSE A 119 -8.37 4.19 -4.48
CB MSE A 119 -6.49 6.20 -5.61
CG MSE A 119 -5.33 5.21 -5.69
SE MSE A 119 -4.66 4.89 -7.49
CE MSE A 119 -3.61 6.49 -7.72
N PRO A 120 -8.11 3.28 -6.52
CA PRO A 120 -8.39 1.91 -6.05
C PRO A 120 -7.22 1.54 -5.14
N THR A 121 -7.52 1.00 -3.96
CA THR A 121 -6.46 0.72 -3.00
C THR A 121 -6.61 -0.50 -2.11
N ILE A 122 -5.49 -1.14 -1.81
CA ILE A 122 -5.49 -2.26 -0.90
C ILE A 122 -4.68 -1.78 0.30
N ILE A 123 -5.23 -1.85 1.50
CA ILE A 123 -4.48 -1.43 2.67
C ILE A 123 -3.91 -2.68 3.34
N ALA A 124 -2.64 -2.61 3.73
CA ALA A 124 -1.97 -3.74 4.36
C ALA A 124 -1.07 -3.32 5.53
N ALA A 125 -0.84 -4.26 6.44
CA ALA A 125 -0.01 -4.01 7.61
C ALA A 125 0.55 -5.33 8.14
N THR A 126 1.70 -5.27 8.80
CA THR A 126 2.34 -6.47 9.35
C THR A 126 2.81 -6.29 10.80
N ALA A 127 2.87 -7.41 11.52
CA ALA A 127 3.30 -7.44 12.92
C ALA A 127 3.48 -8.90 13.33
N GLY A 128 4.05 -9.12 14.52
CA GLY A 128 4.26 -10.47 14.98
C GLY A 128 2.92 -11.17 15.09
N SER A 129 2.11 -10.75 16.06
CA SER A 129 0.78 -11.34 16.27
C SER A 129 -0.31 -10.58 15.52
N ALA A 130 -1.55 -11.02 15.70
CA ALA A 130 -2.68 -10.39 15.03
C ALA A 130 -3.55 -9.54 15.96
N ARG A 131 -3.08 -9.32 17.19
CA ARG A 131 -3.88 -8.54 18.14
C ARG A 131 -4.08 -7.06 17.73
N HIS A 132 -3.27 -6.58 16.80
CA HIS A 132 -3.39 -5.20 16.34
C HIS A 132 -3.86 -5.14 14.89
N SER A 133 -4.53 -6.19 14.44
CA SER A 133 -5.01 -6.21 13.06
C SER A 133 -6.10 -5.18 12.78
N LEU A 134 -6.83 -4.76 13.82
CA LEU A 134 -7.90 -3.77 13.65
C LEU A 134 -7.35 -2.40 13.26
N VAL A 135 -6.04 -2.30 13.23
CA VAL A 135 -5.40 -1.05 12.82
C VAL A 135 -5.81 -0.76 11.37
N LEU A 136 -6.13 -1.81 10.62
CA LEU A 136 -6.54 -1.67 9.22
C LEU A 136 -7.83 -0.86 9.06
N ASP A 137 -8.82 -1.15 9.90
CA ASP A 137 -10.09 -0.44 9.82
C ASP A 137 -10.20 0.82 10.68
N TYR A 138 -9.38 0.91 11.72
CA TYR A 138 -9.42 2.07 12.61
C TYR A 138 -8.28 3.06 12.40
N ALA A 139 -7.41 2.79 11.44
CA ALA A 139 -6.31 3.70 11.17
C ALA A 139 -6.12 3.94 9.68
N LEU A 140 -5.77 2.90 8.94
CA LEU A 140 -5.54 3.06 7.51
C LEU A 140 -6.79 3.32 6.71
N ARG A 141 -7.88 2.65 7.08
CA ARG A 141 -9.12 2.81 6.34
C ARG A 141 -9.62 4.24 6.45
N PRO A 142 -9.69 4.76 7.67
CA PRO A 142 -10.17 6.14 7.81
C PRO A 142 -9.29 7.09 7.02
N LEU A 143 -7.98 6.81 6.99
CA LEU A 143 -7.01 7.66 6.28
C LEU A 143 -7.22 7.70 4.76
N LEU A 144 -7.22 6.54 4.11
CA LEU A 144 -7.42 6.48 2.67
C LEU A 144 -8.83 6.92 2.31
N SER A 145 -9.76 6.72 3.25
CA SER A 145 -11.14 7.13 3.02
C SER A 145 -11.22 8.64 3.07
N TYR A 146 -10.51 9.25 4.02
CA TYR A 146 -10.54 10.69 4.12
C TYR A 146 -10.07 11.30 2.79
N MSE A 147 -9.19 10.57 2.10
CA MSE A 147 -8.68 11.02 0.83
C MSE A 147 -9.51 10.53 -0.35
O MSE A 147 -9.06 10.53 -1.49
CB MSE A 147 -7.23 10.60 0.69
CG MSE A 147 -6.38 11.30 1.72
SE MSE A 147 -4.52 11.13 1.44
CE MSE A 147 -4.02 10.30 3.11
N ARG A 148 -10.73 10.13 -0.03
CA ARG A 148 -11.65 9.66 -1.05
C ARG A 148 -11.11 8.54 -1.94
N ALA A 149 -10.16 7.75 -1.46
CA ALA A 149 -9.68 6.64 -2.27
C ALA A 149 -10.68 5.51 -2.04
N VAL A 150 -10.83 4.62 -3.02
CA VAL A 150 -11.73 3.50 -2.79
C VAL A 150 -10.92 2.28 -2.33
N VAL A 151 -10.98 2.01 -1.02
CA VAL A 151 -10.27 0.89 -0.39
C VAL A 151 -11.08 -0.39 -0.49
N VAL A 152 -10.51 -1.40 -1.15
CA VAL A 152 -11.22 -2.67 -1.32
C VAL A 152 -11.52 -3.28 0.05
N PRO A 153 -12.62 -4.04 0.15
CA PRO A 153 -13.04 -4.67 1.40
C PRO A 153 -12.00 -5.55 2.08
N THR A 154 -11.31 -6.38 1.30
CA THR A 154 -10.30 -7.24 1.91
C THR A 154 -9.02 -6.49 2.24
N GLY A 155 -8.85 -6.18 3.52
CA GLY A 155 -7.63 -5.52 3.96
C GLY A 155 -6.71 -6.67 4.27
N VAL A 156 -5.39 -6.45 4.16
CA VAL A 156 -4.45 -7.52 4.44
C VAL A 156 -3.56 -7.28 5.66
N PHE A 157 -3.69 -8.15 6.66
CA PHE A 157 -2.88 -8.02 7.87
C PHE A 157 -2.01 -9.26 8.07
N ALA A 158 -0.71 -9.12 7.82
CA ALA A 158 0.24 -10.21 7.97
C ALA A 158 0.76 -10.37 9.40
N ALA A 159 0.35 -11.45 10.06
CA ALA A 159 0.83 -11.74 11.40
C ALA A 159 1.95 -12.76 11.19
N THR A 160 3.20 -12.30 11.24
CA THR A 160 4.37 -13.15 11.01
C THR A 160 4.29 -14.49 11.74
N GLU A 161 3.92 -14.45 13.02
CA GLU A 161 3.81 -15.65 13.84
C GLU A 161 2.77 -16.65 13.30
N ASP A 162 1.86 -16.19 12.45
CA ASP A 162 0.83 -17.06 11.92
C ASP A 162 1.00 -17.56 10.48
N PHE A 163 2.23 -17.58 9.98
CA PHE A 163 2.46 -18.07 8.62
C PHE A 163 2.56 -19.60 8.61
N GLY A 164 2.22 -20.21 7.48
CA GLY A 164 2.29 -21.66 7.38
C GLY A 164 1.08 -22.37 7.95
N GLY A 165 0.87 -23.60 7.52
CA GLY A 165 -0.26 -24.38 7.99
C GLY A 165 -1.60 -23.88 7.46
N PRO A 166 -2.73 -24.35 8.02
CA PRO A 166 -4.05 -23.92 7.57
C PRO A 166 -4.16 -22.40 7.53
N GLU A 167 -3.71 -21.75 8.61
CA GLU A 167 -3.75 -20.30 8.69
C GLU A 167 -3.04 -19.66 7.51
N GLY A 168 -1.76 -20.00 7.36
CA GLY A 168 -0.97 -19.44 6.27
C GLY A 168 -1.60 -19.62 4.90
N ALA A 169 -2.17 -20.79 4.66
CA ALA A 169 -2.81 -21.10 3.38
C ALA A 169 -4.12 -20.33 3.22
N GLU A 170 -4.78 -20.06 4.34
CA GLU A 170 -6.03 -19.31 4.31
C GLU A 170 -5.67 -17.85 4.08
N PHE A 171 -4.50 -17.47 4.55
CA PHE A 171 -4.02 -16.10 4.41
C PHE A 171 -3.69 -15.82 2.93
N ASN A 172 -2.93 -16.72 2.31
CA ASN A 172 -2.58 -16.54 0.91
C ASN A 172 -3.85 -16.48 0.09
N LYS A 173 -4.88 -17.19 0.55
CA LYS A 173 -6.17 -17.23 -0.13
C LYS A 173 -6.75 -15.83 -0.07
N ARG A 174 -6.57 -15.19 1.09
CA ARG A 174 -7.06 -13.84 1.35
C ARG A 174 -6.37 -12.77 0.49
N ILE A 175 -5.04 -12.88 0.39
CA ILE A 175 -4.25 -11.97 -0.42
C ILE A 175 -4.74 -12.04 -1.86
N ALA A 176 -5.06 -13.25 -2.31
CA ALA A 176 -5.55 -13.42 -3.67
C ALA A 176 -6.90 -12.71 -3.79
N ARG A 177 -7.74 -12.85 -2.77
CA ARG A 177 -9.05 -12.24 -2.78
C ARG A 177 -8.92 -10.72 -2.86
N ALA A 178 -8.04 -10.17 -2.03
CA ALA A 178 -7.81 -8.72 -2.04
C ALA A 178 -7.27 -8.33 -3.40
N ALA A 179 -6.38 -9.15 -3.95
CA ALA A 179 -5.79 -8.88 -5.25
C ALA A 179 -6.88 -8.80 -6.34
N GLY A 180 -7.82 -9.74 -6.28
CA GLY A 180 -8.88 -9.76 -7.28
C GLY A 180 -9.73 -8.51 -7.22
N GLU A 181 -10.10 -8.10 -6.01
CA GLU A 181 -10.93 -6.92 -5.85
C GLU A 181 -10.25 -5.73 -6.54
N LEU A 182 -8.96 -5.55 -6.25
CA LEU A 182 -8.20 -4.46 -6.82
C LEU A 182 -8.07 -4.61 -8.33
N ALA A 183 -7.67 -5.80 -8.76
CA ALA A 183 -7.49 -6.07 -10.18
C ALA A 183 -8.75 -5.73 -10.96
N SER A 184 -9.91 -6.08 -10.40
CA SER A 184 -11.18 -5.79 -11.05
C SER A 184 -11.39 -4.30 -11.23
N LEU A 185 -11.06 -3.54 -10.21
CA LEU A 185 -11.18 -2.09 -10.25
C LEU A 185 -10.17 -1.49 -11.22
N ILE A 186 -8.99 -2.08 -11.28
CA ILE A 186 -7.94 -1.57 -12.17
C ILE A 186 -8.24 -1.71 -13.65
N VAL A 187 -8.69 -2.89 -14.07
CA VAL A 187 -8.99 -3.11 -15.48
C VAL A 187 -10.30 -2.46 -15.89
N GLU A 188 -11.02 -1.92 -14.91
CA GLU A 188 -12.30 -1.28 -15.14
C GLU A 188 -12.09 0.15 -15.65
N GLU A 189 -11.04 0.81 -15.16
CA GLU A 189 -10.73 2.18 -15.55
C GLU A 189 -10.35 2.23 -17.03
N SER A 190 -10.97 3.14 -17.77
CA SER A 190 -10.67 3.28 -19.20
C SER A 190 -9.77 4.49 -19.45
S SO4 B . 9.98 -4.12 8.91
O1 SO4 B . 10.76 -3.40 7.89
O2 SO4 B . 8.57 -4.22 8.48
O3 SO4 B . 10.53 -5.50 9.06
O4 SO4 B . 10.07 -3.41 10.20
S SO4 C . 2.79 -7.62 18.32
O1 SO4 C . 1.44 -7.51 17.73
O2 SO4 C . 3.03 -6.46 19.18
O3 SO4 C . 2.87 -8.88 19.09
O4 SO4 C . 3.80 -7.65 17.23
S SO4 D . -5.64 18.22 4.51
O1 SO4 D . -6.19 17.49 3.34
O2 SO4 D . -6.53 18.06 5.67
O3 SO4 D . -4.30 17.71 4.85
O4 SO4 D . -5.54 19.65 4.16
S SO4 E . -14.33 -13.93 5.65
O1 SO4 E . -15.23 -13.95 6.82
O2 SO4 E . -13.54 -15.19 5.60
O3 SO4 E . -15.14 -13.81 4.42
O4 SO4 E . -13.40 -12.76 5.75
#